data_1YY7
#
_entry.id   1YY7
#
_cell.length_a   100.412
_cell.length_b   100.412
_cell.length_c   181.890
_cell.angle_alpha   90.00
_cell.angle_beta   90.00
_cell.angle_gamma   120.00
#
_symmetry.space_group_name_H-M   'P 65 2 2'
#
loop_
_entity.id
_entity.type
_entity.pdbx_description
1 polymer 'stringent starvation protein A'
2 non-polymer 'CITRIC ACID'
3 water water
#
_entity_poly.entity_id   1
_entity_poly.type   'polypeptide(L)'
_entity_poly.pdbx_seq_one_letter_code
;MAVAANKRSVMTLFSGPTDIFSHQVRIVLAEKGVSVEIEQVEADNLPQDLIDLNPYRTVPTLVDRELTLYESRIIMEYLD
ERFPHPPLMPVYPVARGSSRLMMHRIEHDWYSLLYKIEQGNAQEAEAARKQLREELLSIAPVFNETPFFMSEEFSLVDCY
LAPLLWRLPVLGIEFTGAGSKELKGYMTRVFERDAFLASLTEAEREMHLKTRS
;
_entity_poly.pdbx_strand_id   A,B
#
loop_
_chem_comp.id
_chem_comp.type
_chem_comp.name
_chem_comp.formula
CIT non-polymer 'CITRIC ACID' 'C6 H8 O7'
#
# COMPACT_ATOMS: atom_id res chain seq x y z
N ALA A 4 -13.50 22.49 -13.87
CA ALA A 4 -13.08 21.57 -12.76
C ALA A 4 -11.87 20.74 -13.20
N ALA A 5 -11.00 20.43 -12.24
CA ALA A 5 -9.79 19.63 -12.53
C ALA A 5 -10.12 18.33 -13.26
N ASN A 6 -11.23 17.67 -12.88
CA ASN A 6 -11.60 16.43 -13.53
C ASN A 6 -12.09 16.64 -14.98
N LYS A 7 -12.30 17.88 -15.37
CA LYS A 7 -12.77 18.18 -16.72
C LYS A 7 -11.68 18.70 -17.67
N ARG A 8 -10.51 19.02 -17.13
CA ARG A 8 -9.40 19.52 -17.95
C ARG A 8 -8.76 18.36 -18.71
N SER A 9 -8.07 18.67 -19.80
CA SER A 9 -7.43 17.64 -20.61
C SER A 9 -5.98 17.43 -20.17
N VAL A 10 -5.56 18.15 -19.13
CA VAL A 10 -4.22 18.05 -18.58
C VAL A 10 -4.31 17.66 -17.12
N MET A 11 -3.45 16.74 -16.70
CA MET A 11 -3.40 16.25 -15.32
C MET A 11 -3.17 17.37 -14.31
N THR A 12 -3.67 17.16 -13.11
CA THR A 12 -3.48 18.12 -12.05
C THR A 12 -2.97 17.38 -10.83
N LEU A 13 -1.90 17.90 -10.23
CA LEU A 13 -1.38 17.30 -9.01
C LEU A 13 -1.55 18.32 -7.89
N PHE A 14 -2.26 17.91 -6.84
CA PHE A 14 -2.40 18.75 -5.65
C PHE A 14 -1.25 18.26 -4.79
N SER A 15 -0.35 19.17 -4.46
CA SER A 15 0.86 18.81 -3.73
C SER A 15 1.12 19.63 -2.49
N GLY A 16 1.86 19.04 -1.55
CA GLY A 16 2.24 19.77 -0.36
C GLY A 16 3.65 20.27 -0.69
N PRO A 17 3.95 21.57 -0.50
CA PRO A 17 5.25 22.18 -0.80
C PRO A 17 6.49 21.49 -0.18
N THR A 18 6.36 20.93 1.01
CA THR A 18 7.50 20.25 1.64
C THR A 18 7.13 18.82 2.03
N ASP A 19 6.02 18.33 1.48
CA ASP A 19 5.55 16.98 1.78
C ASP A 19 6.39 15.91 1.05
N ILE A 20 7.08 15.07 1.81
CA ILE A 20 7.93 14.02 1.25
C ILE A 20 7.18 13.13 0.26
N PHE A 21 5.92 12.83 0.54
CA PHE A 21 5.14 11.99 -0.38
C PHE A 21 4.85 12.70 -1.71
N SER A 22 4.55 13.99 -1.64
CA SER A 22 4.29 14.75 -2.87
C SER A 22 5.60 14.81 -3.69
N HIS A 23 6.72 14.89 -2.99
CA HIS A 23 8.03 14.96 -3.64
C HIS A 23 8.25 13.68 -4.47
N GLN A 24 7.94 12.52 -3.89
CA GLN A 24 8.08 11.27 -4.61
C GLN A 24 7.36 11.36 -5.94
N VAL A 25 6.09 11.74 -5.88
CA VAL A 25 5.25 11.86 -7.06
C VAL A 25 5.79 12.89 -8.07
N ARG A 26 6.26 14.04 -7.58
CA ARG A 26 6.82 15.06 -8.47
C ARG A 26 8.08 14.55 -9.21
N ILE A 27 8.84 13.66 -8.59
CA ILE A 27 10.01 13.13 -9.27
C ILE A 27 9.50 12.23 -10.42
N VAL A 28 8.50 11.38 -10.13
CA VAL A 28 7.99 10.51 -11.17
C VAL A 28 7.36 11.29 -12.32
N LEU A 29 6.62 12.35 -12.02
CA LEU A 29 6.01 13.13 -13.10
C LEU A 29 7.09 13.70 -14.01
N ALA A 30 8.17 14.21 -13.42
CA ALA A 30 9.26 14.78 -14.20
C ALA A 30 9.96 13.71 -15.04
N GLU A 31 10.15 12.51 -14.49
CA GLU A 31 10.81 11.42 -15.23
C GLU A 31 10.00 11.01 -16.47
N LYS A 32 8.68 11.01 -16.33
CA LYS A 32 7.79 10.65 -17.42
C LYS A 32 7.64 11.80 -18.42
N GLY A 33 8.01 13.01 -18.00
CA GLY A 33 7.90 14.16 -18.88
C GLY A 33 6.51 14.55 -19.34
N VAL A 34 5.49 14.12 -18.61
CA VAL A 34 4.11 14.42 -18.96
C VAL A 34 3.69 15.84 -18.57
N SER A 35 2.70 16.37 -19.28
CA SER A 35 2.18 17.69 -18.96
C SER A 35 1.31 17.55 -17.72
N VAL A 36 1.55 18.40 -16.74
CA VAL A 36 0.78 18.37 -15.51
C VAL A 36 0.79 19.74 -14.83
N GLU A 37 -0.36 20.13 -14.34
CA GLU A 37 -0.49 21.40 -13.63
C GLU A 37 -0.34 21.05 -12.16
N ILE A 38 0.72 21.55 -11.54
CA ILE A 38 0.98 21.27 -10.14
C ILE A 38 0.56 22.43 -9.25
N GLU A 39 -0.33 22.14 -8.30
CA GLU A 39 -0.80 23.16 -7.36
C GLU A 39 -0.32 22.85 -5.95
N GLN A 40 0.50 23.73 -5.39
CA GLN A 40 0.96 23.54 -4.02
C GLN A 40 -0.19 24.06 -3.15
N VAL A 41 -0.69 23.24 -2.23
CA VAL A 41 -1.81 23.65 -1.40
C VAL A 41 -1.43 24.14 -0.02
N GLU A 42 -2.37 24.83 0.60
CA GLU A 42 -2.16 25.36 1.94
C GLU A 42 -3.22 24.67 2.78
N ALA A 43 -2.79 24.08 3.91
CA ALA A 43 -3.68 23.35 4.79
C ALA A 43 -4.92 24.13 5.21
N ASP A 44 -4.76 25.42 5.44
CA ASP A 44 -5.87 26.26 5.87
C ASP A 44 -6.92 26.51 4.79
N ASN A 45 -6.48 26.59 3.53
CA ASN A 45 -7.40 26.86 2.44
C ASN A 45 -7.16 26.03 1.19
N LEU A 46 -7.61 24.78 1.24
CA LEU A 46 -7.47 23.84 0.15
C LEU A 46 -8.34 24.20 -1.05
N PRO A 47 -7.84 23.92 -2.27
CA PRO A 47 -8.67 24.26 -3.43
C PRO A 47 -9.95 23.44 -3.47
N GLN A 48 -11.00 24.04 -4.02
CA GLN A 48 -12.30 23.39 -4.12
C GLN A 48 -12.26 22.04 -4.85
N ASP A 49 -11.51 21.92 -5.94
CA ASP A 49 -11.48 20.64 -6.65
C ASP A 49 -10.91 19.50 -5.82
N LEU A 50 -9.95 19.80 -4.96
CA LEU A 50 -9.36 18.78 -4.12
C LEU A 50 -10.42 18.33 -3.14
N ILE A 51 -11.16 19.29 -2.58
CA ILE A 51 -12.21 18.96 -1.61
C ILE A 51 -13.30 18.11 -2.27
N ASP A 52 -13.70 18.46 -3.48
CA ASP A 52 -14.73 17.72 -4.20
C ASP A 52 -14.30 16.32 -4.66
N LEU A 53 -13.05 16.17 -5.07
CA LEU A 53 -12.59 14.90 -5.59
C LEU A 53 -11.96 13.94 -4.59
N ASN A 54 -11.36 14.47 -3.52
CA ASN A 54 -10.73 13.64 -2.50
C ASN A 54 -11.36 13.89 -1.15
N PRO A 55 -12.33 13.04 -0.74
CA PRO A 55 -13.00 13.19 0.55
C PRO A 55 -12.08 13.27 1.77
N TYR A 56 -10.87 12.75 1.65
CA TYR A 56 -9.93 12.78 2.77
C TYR A 56 -9.13 14.08 2.80
N ARG A 57 -9.23 14.87 1.73
CA ARG A 57 -8.51 16.14 1.66
C ARG A 57 -7.00 16.02 1.92
N THR A 58 -6.37 15.04 1.32
CA THR A 58 -4.94 14.86 1.53
C THR A 58 -4.17 15.12 0.25
N VAL A 59 -2.85 15.22 0.40
CA VAL A 59 -1.94 15.39 -0.72
C VAL A 59 -0.87 14.34 -0.47
N PRO A 60 -0.27 13.81 -1.55
CA PRO A 60 -0.59 14.18 -2.93
C PRO A 60 -1.87 13.55 -3.47
N THR A 61 -2.50 14.25 -4.40
CA THR A 61 -3.70 13.78 -5.07
C THR A 61 -3.52 14.09 -6.54
N LEU A 62 -3.65 13.07 -7.40
CA LEU A 62 -3.51 13.27 -8.83
C LEU A 62 -4.89 13.14 -9.47
N VAL A 63 -5.23 14.10 -10.31
CA VAL A 63 -6.50 14.05 -11.02
C VAL A 63 -6.14 13.96 -12.50
N ASP A 64 -6.52 12.87 -13.14
CA ASP A 64 -6.27 12.66 -14.55
C ASP A 64 -7.64 12.32 -15.11
N ARG A 65 -8.30 13.30 -15.73
CA ARG A 65 -9.64 13.10 -16.28
C ARG A 65 -10.62 12.75 -15.16
N GLU A 66 -11.38 11.67 -15.31
CA GLU A 66 -12.33 11.30 -14.27
C GLU A 66 -11.74 10.42 -13.17
N LEU A 67 -10.42 10.21 -13.22
CA LEU A 67 -9.79 9.39 -12.19
C LEU A 67 -9.08 10.26 -11.16
N THR A 68 -9.38 10.03 -9.88
CA THR A 68 -8.74 10.75 -8.80
C THR A 68 -7.95 9.74 -7.96
N LEU A 69 -6.65 9.95 -7.80
CA LEU A 69 -5.84 9.02 -7.01
C LEU A 69 -5.11 9.74 -5.89
N TYR A 70 -4.95 9.05 -4.77
CA TYR A 70 -4.20 9.53 -3.65
C TYR A 70 -3.45 8.32 -3.10
N GLU A 71 -2.53 8.55 -2.17
CA GLU A 71 -1.63 7.47 -1.75
C GLU A 71 -0.55 7.49 -2.81
N SER A 72 0.63 8.01 -2.49
CA SER A 72 1.69 8.17 -3.49
C SER A 72 2.06 6.87 -4.24
N ARG A 73 2.07 5.73 -3.57
CA ARG A 73 2.39 4.44 -4.18
C ARG A 73 1.47 4.13 -5.37
N ILE A 74 0.18 4.30 -5.14
CA ILE A 74 -0.84 4.07 -6.15
C ILE A 74 -0.67 5.07 -7.29
N ILE A 75 -0.41 6.33 -6.96
CA ILE A 75 -0.18 7.35 -7.98
C ILE A 75 1.07 7.01 -8.81
N MET A 76 2.17 6.65 -8.14
CA MET A 76 3.39 6.35 -8.86
C MET A 76 3.26 5.14 -9.78
N GLU A 77 2.60 4.07 -9.31
CA GLU A 77 2.44 2.90 -10.15
C GLU A 77 1.47 3.20 -11.30
N TYR A 78 0.50 4.07 -11.04
CA TYR A 78 -0.44 4.47 -12.10
C TYR A 78 0.39 5.15 -13.21
N LEU A 79 1.18 6.13 -12.82
CA LEU A 79 2.02 6.85 -13.76
C LEU A 79 2.94 5.92 -14.54
N ASP A 80 3.53 4.94 -13.86
CA ASP A 80 4.46 4.01 -14.54
C ASP A 80 3.74 3.10 -15.53
N GLU A 81 2.51 2.72 -15.22
CA GLU A 81 1.72 1.85 -16.08
C GLU A 81 1.12 2.64 -17.24
N ARG A 82 0.61 3.83 -16.94
CA ARG A 82 0.01 4.67 -17.98
C ARG A 82 1.03 5.27 -18.96
N PHE A 83 2.21 5.63 -18.45
CA PHE A 83 3.29 6.22 -19.26
C PHE A 83 4.55 5.36 -19.09
N PRO A 84 4.69 4.29 -19.88
CA PRO A 84 5.83 3.36 -19.82
C PRO A 84 7.24 3.90 -19.97
N HIS A 85 7.40 5.00 -20.70
CA HIS A 85 8.73 5.57 -20.94
C HIS A 85 9.14 6.73 -20.03
N PRO A 86 10.23 6.58 -19.28
CA PRO A 86 11.13 5.41 -19.20
C PRO A 86 10.63 4.47 -18.08
N PRO A 87 10.94 3.18 -18.16
CA PRO A 87 10.49 2.25 -17.11
C PRO A 87 11.06 2.54 -15.73
N LEU A 88 10.19 2.62 -14.72
CA LEU A 88 10.63 2.88 -13.35
C LEU A 88 10.38 1.69 -12.43
N MET A 89 10.02 0.56 -13.03
CA MET A 89 9.80 -0.69 -12.30
C MET A 89 10.40 -1.86 -13.08
N PRO A 90 10.75 -2.95 -12.39
CA PRO A 90 11.32 -4.08 -13.13
C PRO A 90 10.17 -4.64 -13.98
N VAL A 91 10.49 -5.48 -14.97
CA VAL A 91 9.50 -6.10 -15.81
C VAL A 91 8.93 -7.40 -15.25
N TYR A 92 9.78 -8.22 -14.64
CA TYR A 92 9.34 -9.52 -14.13
C TYR A 92 8.75 -9.53 -12.71
N PRO A 93 7.78 -10.43 -12.45
CA PRO A 93 7.09 -10.57 -11.15
C PRO A 93 7.98 -10.63 -9.91
N VAL A 94 8.99 -11.48 -9.93
CA VAL A 94 9.88 -11.60 -8.78
C VAL A 94 10.59 -10.28 -8.47
N ALA A 95 11.25 -9.68 -9.48
CA ALA A 95 11.94 -8.41 -9.26
C ALA A 95 10.96 -7.32 -8.83
N ARG A 96 9.76 -7.34 -9.40
CA ARG A 96 8.75 -6.34 -9.05
C ARG A 96 8.33 -6.52 -7.60
N GLY A 97 8.20 -7.76 -7.15
CA GLY A 97 7.82 -7.99 -5.76
C GLY A 97 8.87 -7.43 -4.81
N SER A 98 10.14 -7.67 -5.12
CA SER A 98 11.25 -7.18 -4.30
C SER A 98 11.27 -5.66 -4.28
N SER A 99 10.98 -5.04 -5.43
CA SER A 99 10.96 -3.59 -5.46
C SER A 99 9.86 -3.03 -4.56
N ARG A 100 8.67 -3.59 -4.66
CA ARG A 100 7.56 -3.13 -3.81
C ARG A 100 7.88 -3.36 -2.34
N LEU A 101 8.53 -4.48 -2.04
CA LEU A 101 8.88 -4.76 -0.66
C LEU A 101 9.88 -3.71 -0.16
N MET A 102 10.87 -3.33 -0.97
CA MET A 102 11.84 -2.34 -0.51
C MET A 102 11.16 -0.99 -0.27
N MET A 103 10.26 -0.59 -1.16
CA MET A 103 9.57 0.68 -0.95
C MET A 103 8.82 0.64 0.36
N HIS A 104 8.19 -0.50 0.64
CA HIS A 104 7.44 -0.67 1.87
C HIS A 104 8.39 -0.54 3.09
N ARG A 105 9.54 -1.20 3.02
CA ARG A 105 10.48 -1.15 4.13
C ARG A 105 11.09 0.24 4.36
N ILE A 106 11.38 0.95 3.28
CA ILE A 106 11.94 2.30 3.42
C ILE A 106 10.94 3.17 4.17
N GLU A 107 9.68 3.15 3.74
CA GLU A 107 8.66 3.94 4.38
C GLU A 107 8.42 3.50 5.84
N HIS A 108 8.28 2.20 6.05
CA HIS A 108 8.05 1.65 7.39
C HIS A 108 9.19 1.85 8.38
N ASP A 109 10.42 1.54 7.95
CA ASP A 109 11.60 1.64 8.79
C ASP A 109 12.21 3.03 8.86
N TRP A 110 12.24 3.73 7.73
CA TRP A 110 12.86 5.04 7.73
C TRP A 110 11.94 6.26 7.75
N TYR A 111 10.85 6.24 7.00
CA TYR A 111 9.94 7.39 7.04
C TYR A 111 9.37 7.56 8.46
N SER A 112 9.28 6.48 9.23
CA SER A 112 8.77 6.56 10.59
C SER A 112 9.79 7.25 11.50
N LEU A 113 11.08 7.04 11.23
CA LEU A 113 12.12 7.69 12.03
C LEU A 113 12.12 9.19 11.69
N LEU A 114 11.92 9.50 10.41
CA LEU A 114 11.87 10.89 9.99
C LEU A 114 10.78 11.64 10.77
N TYR A 115 9.62 11.01 10.93
CA TYR A 115 8.52 11.65 11.66
C TYR A 115 8.83 11.81 13.15
N LYS A 116 9.50 10.85 13.75
CA LYS A 116 9.87 10.93 15.16
C LYS A 116 10.85 12.08 15.35
N ILE A 117 11.72 12.25 14.35
CA ILE A 117 12.71 13.32 14.40
C ILE A 117 12.04 14.69 14.35
N GLU A 118 10.99 14.81 13.55
CA GLU A 118 10.33 16.10 13.39
C GLU A 118 9.22 16.43 14.38
N GLN A 119 8.62 15.42 15.00
CA GLN A 119 7.54 15.72 15.91
C GLN A 119 7.66 15.12 17.31
N GLY A 120 8.81 14.54 17.61
CA GLY A 120 9.01 13.96 18.93
C GLY A 120 9.77 14.91 19.82
N ASN A 121 9.86 14.60 21.11
CA ASN A 121 10.59 15.47 22.02
C ASN A 121 12.08 15.34 21.73
N ALA A 122 12.87 16.25 22.27
CA ALA A 122 14.32 16.25 22.05
C ALA A 122 14.98 14.88 22.22
N GLN A 123 14.65 14.19 23.30
CA GLN A 123 15.22 12.88 23.57
C GLN A 123 14.87 11.88 22.45
N GLU A 124 13.59 11.80 22.11
CA GLU A 124 13.10 10.90 21.07
C GLU A 124 13.68 11.25 19.70
N ALA A 125 13.62 12.53 19.36
CA ALA A 125 14.13 13.02 18.08
C ALA A 125 15.60 12.65 17.92
N GLU A 126 16.38 12.82 18.99
CA GLU A 126 17.80 12.50 18.96
C GLU A 126 18.02 11.01 18.82
N ALA A 127 17.19 10.21 19.48
CA ALA A 127 17.31 8.76 19.40
C ALA A 127 16.98 8.30 17.97
N ALA A 128 15.96 8.92 17.38
CA ALA A 128 15.54 8.58 16.02
C ALA A 128 16.59 9.06 15.03
N ARG A 129 17.16 10.21 15.31
CA ARG A 129 18.19 10.78 14.47
C ARG A 129 19.39 9.84 14.39
N LYS A 130 19.79 9.28 15.54
CA LYS A 130 20.92 8.37 15.59
C LYS A 130 20.63 7.04 14.91
N GLN A 131 19.43 6.53 15.09
CA GLN A 131 19.08 5.26 14.46
C GLN A 131 19.07 5.42 12.95
N LEU A 132 18.40 6.46 12.46
CA LEU A 132 18.31 6.69 11.01
C LEU A 132 19.68 6.85 10.37
N ARG A 133 20.54 7.65 11.00
CA ARG A 133 21.87 7.85 10.47
C ARG A 133 22.62 6.53 10.33
N GLU A 134 22.57 5.70 11.38
CA GLU A 134 23.26 4.42 11.39
C GLU A 134 22.74 3.47 10.31
N GLU A 135 21.41 3.38 10.20
CA GLU A 135 20.83 2.47 9.25
C GLU A 135 21.13 2.87 7.82
N LEU A 136 21.10 4.17 7.54
CA LEU A 136 21.38 4.64 6.19
C LEU A 136 22.81 4.32 5.83
N LEU A 137 23.73 4.60 6.75
CA LEU A 137 25.15 4.31 6.49
C LEU A 137 25.37 2.81 6.34
N SER A 138 24.50 2.01 6.93
CA SER A 138 24.67 0.56 6.83
C SER A 138 24.41 0.01 5.44
N ILE A 139 23.66 0.74 4.61
CA ILE A 139 23.39 0.25 3.27
C ILE A 139 24.48 0.64 2.27
N ALA A 140 25.56 1.27 2.75
CA ALA A 140 26.65 1.70 1.87
C ALA A 140 27.09 0.64 0.87
N PRO A 141 27.35 -0.60 1.33
CA PRO A 141 27.79 -1.70 0.46
C PRO A 141 26.93 -1.87 -0.80
N VAL A 142 25.64 -1.57 -0.68
CA VAL A 142 24.74 -1.68 -1.82
C VAL A 142 25.29 -0.86 -2.98
N PHE A 143 25.72 0.36 -2.70
CA PHE A 143 26.21 1.25 -3.76
C PHE A 143 27.54 0.87 -4.37
N ASN A 144 28.15 -0.18 -3.84
CA ASN A 144 29.39 -0.68 -4.40
C ASN A 144 29.03 -1.76 -5.40
N GLU A 145 27.79 -2.24 -5.35
CA GLU A 145 27.32 -3.26 -6.27
C GLU A 145 26.55 -2.65 -7.45
N THR A 146 25.71 -1.67 -7.18
CA THR A 146 24.93 -1.01 -8.22
C THR A 146 24.88 0.50 -7.98
N PRO A 147 24.73 1.29 -9.06
CA PRO A 147 24.66 2.76 -8.94
C PRO A 147 23.42 3.25 -8.20
N PHE A 148 22.31 2.55 -8.33
CA PHE A 148 21.06 2.94 -7.65
C PHE A 148 20.75 1.95 -6.53
N PHE A 149 19.65 2.15 -5.83
CA PHE A 149 19.36 1.25 -4.71
C PHE A 149 18.90 -0.11 -5.18
N MET A 150 19.84 -1.06 -5.15
CA MET A 150 19.60 -2.42 -5.57
C MET A 150 19.06 -2.47 -6.99
N SER A 151 19.63 -1.63 -7.84
CA SER A 151 19.20 -1.56 -9.23
C SER A 151 20.24 -0.87 -10.10
N GLU A 152 20.33 -1.32 -11.34
CA GLU A 152 21.26 -0.73 -12.30
C GLU A 152 20.72 0.60 -12.80
N GLU A 153 19.40 0.76 -12.77
CA GLU A 153 18.79 1.99 -13.23
C GLU A 153 17.86 2.66 -12.19
N PHE A 154 17.76 3.98 -12.27
CA PHE A 154 16.90 4.75 -11.38
C PHE A 154 15.48 4.15 -11.44
N SER A 155 14.88 3.89 -10.28
CA SER A 155 13.53 3.30 -10.23
C SER A 155 12.65 3.94 -9.15
N LEU A 156 11.41 3.46 -9.02
CA LEU A 156 10.50 3.98 -7.98
C LEU A 156 11.11 3.79 -6.57
N VAL A 157 12.00 2.81 -6.40
CA VAL A 157 12.61 2.62 -5.10
C VAL A 157 13.45 3.88 -4.76
N ASP A 158 14.17 4.39 -5.75
CA ASP A 158 14.98 5.60 -5.55
C ASP A 158 14.07 6.83 -5.39
N CYS A 159 12.85 6.75 -5.93
CA CYS A 159 11.89 7.83 -5.79
C CYS A 159 11.40 7.91 -4.34
N TYR A 160 11.60 6.83 -3.58
CA TYR A 160 11.25 6.78 -2.15
C TYR A 160 12.44 7.25 -1.33
N LEU A 161 13.63 6.75 -1.68
CA LEU A 161 14.84 7.09 -0.94
C LEU A 161 15.37 8.51 -1.15
N ALA A 162 15.38 8.98 -2.39
CA ALA A 162 15.90 10.32 -2.69
C ALA A 162 15.30 11.46 -1.86
N PRO A 163 13.95 11.57 -1.82
CA PRO A 163 13.30 12.63 -1.03
C PRO A 163 13.70 12.58 0.44
N LEU A 164 13.93 11.37 0.95
CA LEU A 164 14.34 11.21 2.35
C LEU A 164 15.75 11.74 2.54
N LEU A 165 16.68 11.28 1.71
CA LEU A 165 18.07 11.75 1.84
C LEU A 165 18.17 13.25 1.61
N TRP A 166 17.32 13.80 0.75
CA TRP A 166 17.34 15.22 0.47
C TRP A 166 17.03 16.02 1.74
N ARG A 167 16.23 15.42 2.63
CA ARG A 167 15.84 16.07 3.88
C ARG A 167 16.79 15.91 5.07
N LEU A 168 17.87 15.16 4.90
CA LEU A 168 18.80 14.97 6.01
C LEU A 168 19.26 16.28 6.68
N PRO A 169 19.48 17.35 5.89
CA PRO A 169 19.89 18.60 6.53
C PRO A 169 18.86 19.10 7.56
N VAL A 170 17.59 19.02 7.22
CA VAL A 170 16.55 19.48 8.13
C VAL A 170 16.39 18.52 9.31
N LEU A 171 16.90 17.30 9.16
CA LEU A 171 16.80 16.31 10.22
C LEU A 171 18.06 16.35 11.10
N GLY A 172 18.99 17.23 10.78
CA GLY A 172 20.20 17.34 11.56
C GLY A 172 21.12 16.14 11.42
N ILE A 173 21.14 15.56 10.22
CA ILE A 173 21.98 14.39 9.95
C ILE A 173 22.97 14.70 8.83
N GLU A 174 24.21 14.29 9.03
CA GLU A 174 25.28 14.52 8.04
C GLU A 174 26.18 13.27 8.02
N PHE A 175 26.57 12.83 6.83
CA PHE A 175 27.41 11.65 6.71
C PHE A 175 28.92 11.91 6.69
N THR A 176 29.61 11.21 7.58
CA THR A 176 31.06 11.25 7.70
C THR A 176 31.40 9.84 8.12
N GLY A 177 32.68 9.47 8.01
CA GLY A 177 33.07 8.14 8.42
C GLY A 177 32.75 7.02 7.45
N ALA A 178 32.82 5.80 7.96
CA ALA A 178 32.56 4.61 7.18
C ALA A 178 31.21 4.62 6.47
N GLY A 179 31.24 4.47 5.15
CA GLY A 179 30.01 4.45 4.37
C GLY A 179 29.55 5.79 3.86
N SER A 180 30.13 6.88 4.35
CA SER A 180 29.73 8.21 3.94
C SER A 180 30.04 8.45 2.46
N LYS A 181 31.16 7.91 2.00
CA LYS A 181 31.56 8.06 0.62
C LYS A 181 30.52 7.44 -0.29
N GLU A 182 30.08 6.23 0.05
CA GLU A 182 29.08 5.53 -0.75
C GLU A 182 27.75 6.29 -0.77
N LEU A 183 27.28 6.70 0.40
CA LEU A 183 26.01 7.41 0.49
C LEU A 183 26.06 8.73 -0.26
N LYS A 184 27.17 9.46 -0.11
CA LYS A 184 27.31 10.74 -0.79
C LYS A 184 27.37 10.55 -2.29
N GLY A 185 27.99 9.48 -2.76
CA GLY A 185 28.05 9.22 -4.19
C GLY A 185 26.66 8.95 -4.75
N TYR A 186 25.84 8.24 -3.98
CA TYR A 186 24.48 7.95 -4.42
C TYR A 186 23.68 9.24 -4.44
N MET A 187 23.80 10.04 -3.40
CA MET A 187 23.07 11.29 -3.32
C MET A 187 23.41 12.20 -4.52
N THR A 188 24.69 12.28 -4.86
CA THR A 188 25.13 13.08 -6.00
C THR A 188 24.47 12.58 -7.27
N ARG A 189 24.51 11.26 -7.46
CA ARG A 189 23.93 10.63 -8.63
C ARG A 189 22.44 10.92 -8.79
N VAL A 190 21.66 10.80 -7.71
CA VAL A 190 20.23 11.08 -7.84
C VAL A 190 19.89 12.58 -7.78
N PHE A 191 20.49 13.35 -6.88
CA PHE A 191 20.17 14.78 -6.79
C PHE A 191 20.51 15.57 -8.06
N GLU A 192 21.44 15.08 -8.89
CA GLU A 192 21.79 15.82 -10.11
C GLU A 192 20.87 15.51 -11.30
N ARG A 193 20.01 14.51 -11.18
CA ARG A 193 19.14 14.14 -12.29
C ARG A 193 18.19 15.24 -12.68
N ASP A 194 17.99 15.40 -13.98
CA ASP A 194 17.07 16.41 -14.51
C ASP A 194 15.75 16.34 -13.76
N ALA A 195 15.18 15.14 -13.66
CA ALA A 195 13.89 14.94 -12.99
C ALA A 195 13.84 15.32 -11.51
N PHE A 196 14.93 15.06 -10.80
CA PHE A 196 14.99 15.43 -9.39
C PHE A 196 15.00 16.95 -9.24
N LEU A 197 15.88 17.62 -9.99
CA LEU A 197 15.95 19.09 -9.93
C LEU A 197 14.61 19.68 -10.31
N ALA A 198 14.01 19.13 -11.37
CA ALA A 198 12.71 19.61 -11.84
C ALA A 198 11.61 19.36 -10.81
N SER A 199 11.78 18.35 -9.96
CA SER A 199 10.76 18.00 -8.98
C SER A 199 10.70 18.94 -7.78
N LEU A 200 11.82 19.56 -7.45
CA LEU A 200 11.90 20.41 -6.26
C LEU A 200 11.07 21.70 -6.24
N THR A 201 10.48 22.00 -5.08
CA THR A 201 9.72 23.25 -4.91
C THR A 201 10.74 24.21 -4.32
N GLU A 202 10.44 25.51 -4.29
CA GLU A 202 11.40 26.46 -3.71
C GLU A 202 11.66 26.11 -2.26
N ALA A 203 10.60 25.73 -1.54
CA ALA A 203 10.74 25.35 -0.13
C ALA A 203 11.69 24.16 0.05
N GLU A 204 11.62 23.18 -0.84
CA GLU A 204 12.52 22.06 -0.72
C GLU A 204 13.95 22.48 -1.03
N ARG A 205 14.14 23.36 -2.00
CA ARG A 205 15.48 23.82 -2.32
C ARG A 205 16.13 24.43 -1.08
N GLU A 206 15.37 25.22 -0.34
CA GLU A 206 15.90 25.88 0.83
C GLU A 206 16.31 24.93 1.97
N MET A 207 15.95 23.66 1.84
CA MET A 207 16.33 22.69 2.86
C MET A 207 17.84 22.45 2.82
N HIS A 208 18.50 22.91 1.76
CA HIS A 208 19.95 22.75 1.64
C HIS A 208 20.69 24.08 1.70
N LEU A 209 20.07 25.09 2.30
CA LEU A 209 20.72 26.39 2.40
C LEU A 209 21.96 26.29 3.27
N VAL B 10 7.17 -25.88 -4.14
CA VAL B 10 8.13 -25.20 -3.23
C VAL B 10 7.62 -23.84 -2.72
N MET B 11 6.34 -23.56 -2.93
CA MET B 11 5.75 -22.30 -2.47
C MET B 11 5.08 -22.55 -1.12
N THR B 12 5.53 -21.84 -0.09
CA THR B 12 4.97 -22.00 1.25
C THR B 12 4.37 -20.70 1.78
N LEU B 13 3.15 -20.78 2.31
CA LEU B 13 2.50 -19.61 2.90
C LEU B 13 2.36 -19.82 4.41
N PHE B 14 2.87 -18.88 5.19
CA PHE B 14 2.72 -18.90 6.64
C PHE B 14 1.50 -18.01 6.86
N SER B 15 0.47 -18.58 7.46
CA SER B 15 -0.81 -17.91 7.64
C SER B 15 -1.36 -17.85 9.07
N GLY B 16 -2.12 -16.80 9.35
CA GLY B 16 -2.80 -16.71 10.60
C GLY B 16 -4.09 -17.40 10.40
N PRO B 17 -4.45 -18.40 11.20
CA PRO B 17 -5.71 -19.16 11.00
C PRO B 17 -7.00 -18.35 11.00
N THR B 18 -7.03 -17.21 11.69
CA THR B 18 -8.21 -16.34 11.66
C THR B 18 -7.79 -14.94 11.26
N ASP B 19 -6.56 -14.80 10.75
CA ASP B 19 -6.03 -13.48 10.32
C ASP B 19 -6.69 -13.03 9.00
N ILE B 20 -7.34 -11.87 9.00
CA ILE B 20 -8.02 -11.40 7.80
C ILE B 20 -7.09 -11.17 6.61
N PHE B 21 -5.88 -10.72 6.90
CA PHE B 21 -4.89 -10.48 5.85
C PHE B 21 -4.43 -11.80 5.21
N SER B 22 -4.28 -12.84 6.04
CA SER B 22 -3.87 -14.15 5.54
C SER B 22 -5.02 -14.73 4.71
N HIS B 23 -6.24 -14.43 5.13
CA HIS B 23 -7.39 -14.93 4.42
C HIS B 23 -7.42 -14.35 2.99
N GLN B 24 -7.10 -13.07 2.83
CA GLN B 24 -7.06 -12.43 1.51
C GLN B 24 -6.16 -13.23 0.57
N VAL B 25 -4.95 -13.54 1.04
CA VAL B 25 -3.98 -14.28 0.24
C VAL B 25 -4.46 -15.70 -0.05
N ARG B 26 -5.07 -16.34 0.93
CA ARG B 26 -5.56 -17.70 0.74
C ARG B 26 -6.64 -17.75 -0.36
N ILE B 27 -7.46 -16.70 -0.44
CA ILE B 27 -8.47 -16.66 -1.50
C ILE B 27 -7.75 -16.56 -2.86
N VAL B 28 -6.78 -15.66 -2.96
CA VAL B 28 -6.05 -15.50 -4.21
C VAL B 28 -5.38 -16.82 -4.65
N LEU B 29 -4.72 -17.49 -3.70
CA LEU B 29 -4.05 -18.76 -3.98
C LEU B 29 -5.07 -19.79 -4.50
N ALA B 30 -6.25 -19.81 -3.87
CA ALA B 30 -7.30 -20.74 -4.28
C ALA B 30 -7.77 -20.37 -5.68
N GLU B 31 -8.04 -19.08 -5.92
CA GLU B 31 -8.48 -18.64 -7.24
C GLU B 31 -7.47 -19.03 -8.33
N LYS B 32 -6.17 -18.84 -8.06
CA LYS B 32 -5.13 -19.16 -9.02
C LYS B 32 -4.92 -20.66 -9.19
N GLY B 33 -5.35 -21.44 -8.19
CA GLY B 33 -5.20 -22.89 -8.26
C GLY B 33 -3.77 -23.39 -8.29
N VAL B 34 -2.85 -22.62 -7.72
CA VAL B 34 -1.45 -23.05 -7.72
C VAL B 34 -1.13 -23.98 -6.56
N SER B 35 -0.14 -24.85 -6.77
CA SER B 35 0.29 -25.79 -5.74
C SER B 35 1.00 -24.97 -4.67
N VAL B 36 0.60 -25.16 -3.43
CA VAL B 36 1.19 -24.40 -2.35
C VAL B 36 1.05 -25.11 -1.01
N GLU B 37 2.07 -24.95 -0.18
CA GLU B 37 2.05 -25.56 1.14
C GLU B 37 1.66 -24.43 2.11
N ILE B 38 0.55 -24.62 2.82
CA ILE B 38 0.09 -23.60 3.74
C ILE B 38 0.21 -24.07 5.18
N GLU B 39 0.92 -23.29 5.99
CA GLU B 39 1.12 -23.62 7.40
C GLU B 39 0.52 -22.52 8.27
N GLN B 40 -0.42 -22.92 9.12
CA GLN B 40 -1.08 -21.98 10.02
C GLN B 40 -0.22 -21.80 11.26
N VAL B 41 -0.13 -20.59 11.79
CA VAL B 41 0.63 -20.33 13.00
C VAL B 41 -0.41 -20.33 14.14
N GLU B 42 0.04 -20.19 15.38
CA GLU B 42 -0.89 -20.19 16.53
C GLU B 42 -1.83 -19.02 16.51
N ALA B 43 -1.28 -17.84 16.29
CA ALA B 43 -2.14 -16.66 16.30
C ALA B 43 -1.97 -15.76 15.08
N ASP B 44 -1.25 -14.66 15.28
CA ASP B 44 -1.08 -13.68 14.24
C ASP B 44 0.37 -13.29 14.04
N ASN B 45 1.28 -14.12 14.53
CA ASN B 45 2.70 -13.84 14.40
C ASN B 45 3.51 -15.04 13.94
N LEU B 46 4.62 -14.74 13.29
CA LEU B 46 5.54 -15.75 12.78
C LEU B 46 6.45 -16.15 13.94
N PRO B 47 6.76 -17.44 14.07
CA PRO B 47 7.64 -17.89 15.14
C PRO B 47 8.94 -17.09 15.17
N GLN B 48 9.37 -16.73 16.37
CA GLN B 48 10.61 -15.98 16.56
C GLN B 48 11.77 -16.62 15.80
N ASP B 49 11.77 -17.95 15.74
CA ASP B 49 12.85 -18.66 15.04
C ASP B 49 12.79 -18.54 13.51
N LEU B 50 11.72 -17.95 13.00
CA LEU B 50 11.62 -17.80 11.54
C LEU B 50 11.82 -16.34 11.13
N ILE B 51 12.35 -15.55 12.08
CA ILE B 51 12.60 -14.13 11.84
C ILE B 51 13.46 -13.90 10.61
N ASP B 52 14.23 -14.92 10.24
CA ASP B 52 15.07 -14.82 9.06
C ASP B 52 14.22 -14.69 7.81
N LEU B 53 12.99 -15.16 7.87
CA LEU B 53 12.11 -15.08 6.71
C LEU B 53 11.41 -13.72 6.59
N ASN B 54 11.22 -13.07 7.73
CA ASN B 54 10.52 -11.80 7.74
C ASN B 54 10.90 -11.09 9.04
N PRO B 55 11.75 -10.06 8.94
CA PRO B 55 12.22 -9.28 10.09
C PRO B 55 11.11 -8.80 11.00
N TYR B 56 9.93 -8.61 10.44
CA TYR B 56 8.81 -8.12 11.23
C TYR B 56 8.00 -9.26 11.84
N ARG B 57 8.33 -10.50 11.47
CA ARG B 57 7.65 -11.67 12.00
C ARG B 57 6.13 -11.63 11.85
N THR B 58 5.66 -11.10 10.73
CA THR B 58 4.22 -11.01 10.49
C THR B 58 3.72 -12.08 9.52
N VAL B 59 2.41 -12.26 9.50
CA VAL B 59 1.77 -13.17 8.56
C VAL B 59 0.74 -12.29 7.89
N PRO B 60 0.42 -12.55 6.63
CA PRO B 60 0.95 -13.61 5.80
C PRO B 60 2.37 -13.39 5.30
N THR B 61 3.13 -14.49 5.20
CA THR B 61 4.48 -14.44 4.65
C THR B 61 4.50 -15.56 3.63
N LEU B 62 4.87 -15.23 2.40
CA LEU B 62 4.93 -16.19 1.31
C LEU B 62 6.37 -16.42 0.93
N VAL B 63 6.75 -17.69 0.84
CA VAL B 63 8.10 -18.06 0.44
C VAL B 63 7.95 -18.90 -0.81
N ASP B 64 8.36 -18.34 -1.95
CA ASP B 64 8.28 -19.01 -3.25
C ASP B 64 9.68 -19.08 -3.82
N ARG B 65 10.35 -20.19 -3.57
CA ARG B 65 11.72 -20.37 -4.04
C ARG B 65 12.64 -19.49 -3.21
N GLU B 66 13.42 -18.66 -3.88
CA GLU B 66 14.36 -17.76 -3.22
C GLU B 66 13.74 -16.40 -2.85
N LEU B 67 12.50 -16.18 -3.24
CA LEU B 67 11.84 -14.91 -2.92
C LEU B 67 10.95 -15.02 -1.70
N THR B 68 11.11 -14.11 -0.75
CA THR B 68 10.25 -14.08 0.42
C THR B 68 9.46 -12.77 0.37
N LEU B 69 8.14 -12.85 0.55
CA LEU B 69 7.30 -11.63 0.52
C LEU B 69 6.34 -11.58 1.70
N TYR B 70 6.07 -10.37 2.17
CA TYR B 70 5.12 -10.11 3.24
C TYR B 70 4.36 -8.84 2.90
N GLU B 71 3.30 -8.55 3.65
CA GLU B 71 2.38 -7.47 3.37
C GLU B 71 1.43 -8.05 2.38
N SER B 72 0.23 -8.44 2.81
CA SER B 72 -0.72 -9.10 1.91
C SER B 72 -0.89 -8.43 0.54
N ARG B 73 -0.89 -7.10 0.52
CA ARG B 73 -1.06 -6.37 -0.73
C ARG B 73 0.05 -6.70 -1.72
N ILE B 74 1.29 -6.77 -1.23
CA ILE B 74 2.41 -7.09 -2.11
C ILE B 74 2.33 -8.54 -2.58
N ILE B 75 1.94 -9.45 -1.69
CA ILE B 75 1.80 -10.86 -2.04
C ILE B 75 0.71 -11.04 -3.10
N MET B 76 -0.46 -10.45 -2.91
CA MET B 76 -1.54 -10.60 -3.88
C MET B 76 -1.19 -10.10 -5.27
N GLU B 77 -0.56 -8.93 -5.37
CA GLU B 77 -0.18 -8.45 -6.70
C GLU B 77 0.88 -9.34 -7.33
N TYR B 78 1.78 -9.87 -6.51
CA TYR B 78 2.82 -10.77 -7.00
C TYR B 78 2.17 -11.99 -7.62
N LEU B 79 1.20 -12.58 -6.92
CA LEU B 79 0.51 -13.76 -7.40
C LEU B 79 -0.27 -13.45 -8.67
N ASP B 80 -0.86 -12.26 -8.75
CA ASP B 80 -1.64 -11.91 -9.92
C ASP B 80 -0.75 -11.66 -11.14
N GLU B 81 0.47 -11.17 -10.91
CA GLU B 81 1.40 -10.90 -12.02
C GLU B 81 2.07 -12.19 -12.46
N ARG B 82 2.43 -13.01 -11.47
CA ARG B 82 3.09 -14.28 -11.71
C ARG B 82 2.16 -15.34 -12.32
N PHE B 83 0.91 -15.38 -11.87
CA PHE B 83 -0.07 -16.36 -12.37
C PHE B 83 -1.26 -15.55 -12.92
N PRO B 84 -1.16 -15.12 -14.18
CA PRO B 84 -2.18 -14.31 -14.86
C PRO B 84 -3.61 -14.79 -14.86
N HIS B 85 -3.81 -16.09 -15.00
CA HIS B 85 -5.17 -16.63 -15.04
C HIS B 85 -5.61 -17.47 -13.85
N PRO B 86 -6.82 -17.19 -13.31
CA PRO B 86 -7.74 -16.14 -13.78
C PRO B 86 -7.29 -14.74 -13.33
N PRO B 87 -7.56 -13.71 -14.13
CA PRO B 87 -7.16 -12.35 -13.78
C PRO B 87 -7.96 -11.74 -12.62
N LEU B 88 -7.27 -11.21 -11.62
CA LEU B 88 -7.96 -10.60 -10.48
C LEU B 88 -7.83 -9.06 -10.44
N MET B 89 -7.28 -8.50 -11.52
CA MET B 89 -7.12 -7.05 -11.65
C MET B 89 -7.50 -6.63 -13.06
N PRO B 90 -7.90 -5.36 -13.23
CA PRO B 90 -8.25 -4.92 -14.58
C PRO B 90 -6.93 -4.92 -15.37
N VAL B 91 -7.03 -4.92 -16.68
CA VAL B 91 -5.87 -4.92 -17.56
C VAL B 91 -5.35 -3.50 -17.84
N TYR B 92 -6.23 -2.49 -17.82
CA TYR B 92 -5.86 -1.11 -18.14
C TYR B 92 -5.51 -0.28 -16.92
N PRO B 93 -4.51 0.61 -17.10
CA PRO B 93 -3.99 1.52 -16.06
C PRO B 93 -5.01 2.30 -15.24
N VAL B 94 -6.01 2.88 -15.87
CA VAL B 94 -6.99 3.67 -15.13
C VAL B 94 -7.82 2.87 -14.12
N ALA B 95 -8.47 1.79 -14.58
CA ALA B 95 -9.27 0.99 -13.67
C ALA B 95 -8.37 0.29 -12.65
N ARG B 96 -7.11 0.04 -13.01
CA ARG B 96 -6.18 -0.60 -12.07
C ARG B 96 -5.93 0.37 -10.92
N GLY B 97 -5.89 1.66 -11.22
CA GLY B 97 -5.69 2.64 -10.18
C GLY B 97 -6.92 2.68 -9.30
N SER B 98 -8.10 2.58 -9.91
CA SER B 98 -9.35 2.58 -9.13
C SER B 98 -9.36 1.38 -8.18
N SER B 99 -8.95 0.23 -8.70
CA SER B 99 -8.94 -0.98 -7.87
C SER B 99 -7.96 -0.87 -6.70
N ARG B 100 -6.72 -0.47 -6.99
CA ARG B 100 -5.74 -0.33 -5.93
C ARG B 100 -6.26 0.66 -4.90
N LEU B 101 -6.89 1.73 -5.37
CA LEU B 101 -7.39 2.76 -4.44
C LEU B 101 -8.50 2.22 -3.57
N MET B 102 -9.44 1.49 -4.16
CA MET B 102 -10.55 0.92 -3.40
C MET B 102 -10.02 -0.08 -2.35
N MET B 103 -9.04 -0.88 -2.75
CA MET B 103 -8.44 -1.84 -1.84
C MET B 103 -7.85 -1.09 -0.66
N HIS B 104 -7.14 -0.01 -0.97
CA HIS B 104 -6.52 0.79 0.07
C HIS B 104 -7.57 1.44 0.97
N ARG B 105 -8.66 1.92 0.37
CA ARG B 105 -9.71 2.58 1.15
C ARG B 105 -10.38 1.56 2.05
N ILE B 106 -10.63 0.37 1.51
CA ILE B 106 -11.25 -0.66 2.30
C ILE B 106 -10.35 -0.97 3.52
N GLU B 107 -9.06 -1.16 3.30
CA GLU B 107 -8.18 -1.46 4.41
C GLU B 107 -8.03 -0.31 5.41
N HIS B 108 -7.90 0.91 4.89
CA HIS B 108 -7.71 2.06 5.75
C HIS B 108 -8.96 2.54 6.49
N ASP B 109 -10.12 2.42 5.86
CA ASP B 109 -11.39 2.84 6.45
C ASP B 109 -12.10 1.72 7.23
N TRP B 110 -12.05 0.51 6.70
CA TRP B 110 -12.75 -0.61 7.30
C TRP B 110 -11.92 -1.62 8.11
N TYR B 111 -10.76 -2.01 7.62
CA TYR B 111 -9.94 -2.95 8.38
C TYR B 111 -9.43 -2.24 9.66
N SER B 112 -9.39 -0.92 9.62
CA SER B 112 -8.96 -0.15 10.78
C SER B 112 -10.08 -0.26 11.83
N LEU B 113 -11.34 -0.18 11.39
CA LEU B 113 -12.45 -0.31 12.34
C LEU B 113 -12.45 -1.74 12.89
N LEU B 114 -12.21 -2.72 12.04
CA LEU B 114 -12.16 -4.12 12.49
C LEU B 114 -11.12 -4.23 13.61
N TYR B 115 -9.96 -3.62 13.40
CA TYR B 115 -8.90 -3.64 14.39
C TYR B 115 -9.32 -2.99 15.72
N LYS B 116 -10.07 -1.89 15.65
CA LYS B 116 -10.51 -1.22 16.87
C LYS B 116 -11.56 -2.05 17.60
N ILE B 117 -12.33 -2.83 16.85
CA ILE B 117 -13.35 -3.69 17.45
C ILE B 117 -12.67 -4.84 18.19
N GLU B 118 -11.64 -5.43 17.57
CA GLU B 118 -10.95 -6.54 18.18
C GLU B 118 -10.02 -6.17 19.34
N GLN B 119 -9.41 -5.00 19.27
CA GLN B 119 -8.47 -4.57 20.30
C GLN B 119 -9.05 -3.62 21.34
N GLY B 120 -10.25 -3.12 21.10
CA GLY B 120 -10.81 -2.17 22.04
C GLY B 120 -11.65 -2.72 23.16
N ASN B 121 -11.86 -1.86 24.16
CA ASN B 121 -12.71 -2.22 25.29
C ASN B 121 -14.13 -2.14 24.74
N ALA B 122 -15.13 -2.47 25.57
CA ALA B 122 -16.52 -2.45 25.14
C ALA B 122 -16.95 -1.17 24.42
N GLN B 123 -16.60 -0.02 25.01
CA GLN B 123 -16.96 1.27 24.45
C GLN B 123 -16.31 1.56 23.10
N GLU B 124 -15.01 1.31 22.98
CA GLU B 124 -14.30 1.53 21.74
C GLU B 124 -14.80 0.61 20.64
N ALA B 125 -15.05 -0.64 21.01
CA ALA B 125 -15.53 -1.64 20.08
C ALA B 125 -16.89 -1.24 19.52
N GLU B 126 -17.80 -0.82 20.40
CA GLU B 126 -19.13 -0.45 19.94
C GLU B 126 -19.11 0.77 19.03
N ALA B 127 -18.25 1.74 19.33
CA ALA B 127 -18.18 2.93 18.50
C ALA B 127 -17.65 2.57 17.09
N ALA B 128 -16.63 1.71 17.04
CA ALA B 128 -16.06 1.28 15.77
C ALA B 128 -17.10 0.46 15.02
N ARG B 129 -17.79 -0.43 15.75
CA ARG B 129 -18.83 -1.29 15.20
C ARG B 129 -19.98 -0.51 14.54
N LYS B 130 -20.45 0.53 15.22
CA LYS B 130 -21.54 1.36 14.71
C LYS B 130 -21.16 2.00 13.38
N GLN B 131 -19.95 2.54 13.33
CA GLN B 131 -19.45 3.20 12.12
C GLN B 131 -19.25 2.21 10.99
N LEU B 132 -18.68 1.04 11.29
CA LEU B 132 -18.44 0.03 10.28
C LEU B 132 -19.76 -0.43 9.69
N ARG B 133 -20.69 -0.80 10.57
CA ARG B 133 -22.00 -1.28 10.15
C ARG B 133 -22.73 -0.29 9.24
N GLU B 134 -22.82 0.96 9.64
CA GLU B 134 -23.52 1.94 8.82
C GLU B 134 -22.85 2.15 7.48
N GLU B 135 -21.52 2.29 7.48
CA GLU B 135 -20.81 2.48 6.23
C GLU B 135 -21.00 1.31 5.27
N LEU B 136 -20.90 0.08 5.76
CA LEU B 136 -21.07 -1.09 4.90
C LEU B 136 -22.47 -1.06 4.26
N LEU B 137 -23.48 -0.76 5.06
CA LEU B 137 -24.84 -0.71 4.55
C LEU B 137 -25.06 0.42 3.55
N SER B 138 -24.30 1.51 3.70
CA SER B 138 -24.44 2.65 2.79
C SER B 138 -24.02 2.31 1.36
N ILE B 139 -23.08 1.39 1.17
CA ILE B 139 -22.64 1.03 -0.18
C ILE B 139 -23.53 -0.03 -0.82
N ALA B 140 -24.65 -0.35 -0.17
CA ALA B 140 -25.57 -1.37 -0.69
C ALA B 140 -26.03 -1.11 -2.13
N PRO B 141 -26.39 0.14 -2.46
CA PRO B 141 -26.84 0.42 -3.83
C PRO B 141 -25.86 -0.09 -4.88
N VAL B 142 -24.57 -0.09 -4.55
CA VAL B 142 -23.53 -0.55 -5.49
C VAL B 142 -23.78 -1.97 -6.01
N PHE B 143 -24.39 -2.81 -5.18
CA PHE B 143 -24.65 -4.18 -5.57
C PHE B 143 -25.93 -4.38 -6.37
N ASN B 144 -26.85 -3.44 -6.32
CA ASN B 144 -28.08 -3.57 -7.09
C ASN B 144 -27.72 -3.51 -8.56
N GLU B 145 -26.48 -3.10 -8.81
CA GLU B 145 -25.99 -2.97 -10.17
C GLU B 145 -25.16 -4.17 -10.63
N THR B 146 -24.16 -4.57 -9.85
CA THR B 146 -23.31 -5.68 -10.26
C THR B 146 -23.12 -6.84 -9.27
N PRO B 147 -22.70 -8.01 -9.78
CA PRO B 147 -22.47 -9.22 -8.97
C PRO B 147 -21.36 -9.01 -7.94
N PHE B 148 -20.27 -8.38 -8.38
CA PHE B 148 -19.14 -8.15 -7.51
C PHE B 148 -18.90 -6.67 -7.28
N PHE B 149 -17.95 -6.33 -6.40
CA PHE B 149 -17.74 -4.92 -6.09
C PHE B 149 -17.30 -4.08 -7.28
N MET B 150 -18.24 -3.28 -7.79
CA MET B 150 -18.03 -2.41 -8.95
C MET B 150 -17.38 -3.16 -10.09
N SER B 151 -17.85 -4.38 -10.30
CA SER B 151 -17.28 -5.24 -11.33
C SER B 151 -18.22 -6.41 -11.57
N GLU B 152 -18.07 -7.07 -12.70
CA GLU B 152 -18.90 -8.22 -13.04
C GLU B 152 -18.07 -9.48 -12.90
N GLU B 153 -16.84 -9.32 -12.41
CA GLU B 153 -15.95 -10.43 -12.20
C GLU B 153 -15.19 -10.32 -10.88
N PHE B 154 -15.15 -11.42 -10.17
CA PHE B 154 -14.46 -11.47 -8.89
C PHE B 154 -13.04 -10.92 -9.09
N SER B 155 -12.61 -10.00 -8.22
CA SER B 155 -11.30 -9.36 -8.32
C SER B 155 -10.62 -9.22 -6.94
N LEU B 156 -9.43 -8.62 -6.93
CA LEU B 156 -8.73 -8.42 -5.66
C LEU B 156 -9.56 -7.53 -4.73
N VAL B 157 -10.40 -6.67 -5.29
CA VAL B 157 -11.22 -5.82 -4.44
C VAL B 157 -12.13 -6.73 -3.59
N ASP B 158 -12.70 -7.77 -4.22
CA ASP B 158 -13.56 -8.69 -3.47
C ASP B 158 -12.73 -9.54 -2.49
N CYS B 159 -11.44 -9.70 -2.79
CA CYS B 159 -10.53 -10.44 -1.91
C CYS B 159 -10.31 -9.64 -0.61
N TYR B 160 -10.62 -8.35 -0.66
CA TYR B 160 -10.50 -7.48 0.51
C TYR B 160 -11.83 -7.43 1.25
N LEU B 161 -12.91 -7.26 0.49
CA LEU B 161 -14.23 -7.17 1.08
C LEU B 161 -14.78 -8.49 1.63
N ALA B 162 -14.61 -9.60 0.91
CA ALA B 162 -15.14 -10.89 1.36
C ALA B 162 -14.68 -11.36 2.76
N PRO B 163 -13.35 -11.38 3.03
CA PRO B 163 -12.89 -11.82 4.35
C PRO B 163 -13.46 -10.94 5.48
N LEU B 164 -13.71 -9.67 5.17
CA LEU B 164 -14.26 -8.76 6.17
C LEU B 164 -15.73 -9.11 6.49
N LEU B 165 -16.55 -9.22 5.45
CA LEU B 165 -17.97 -9.55 5.65
C LEU B 165 -18.14 -10.95 6.26
N TRP B 166 -17.21 -11.85 5.97
CA TRP B 166 -17.27 -13.19 6.53
C TRP B 166 -17.22 -13.14 8.05
N ARG B 167 -16.46 -12.18 8.56
CA ARG B 167 -16.25 -12.03 10.00
C ARG B 167 -17.30 -11.22 10.77
N LEU B 168 -18.38 -10.81 10.11
CA LEU B 168 -19.40 -10.03 10.81
C LEU B 168 -19.80 -10.69 12.14
N PRO B 169 -19.96 -12.02 12.19
CA PRO B 169 -20.34 -12.69 13.44
C PRO B 169 -19.34 -12.46 14.58
N VAL B 170 -18.05 -12.53 14.29
CA VAL B 170 -17.06 -12.32 15.32
C VAL B 170 -16.88 -10.84 15.66
N LEU B 171 -17.38 -9.96 14.80
CA LEU B 171 -17.29 -8.53 15.06
C LEU B 171 -18.54 -8.06 15.80
N GLY B 172 -19.53 -8.94 15.92
CA GLY B 172 -20.78 -8.62 16.60
C GLY B 172 -21.71 -7.74 15.81
N ILE B 173 -21.74 -7.92 14.50
CA ILE B 173 -22.56 -7.14 13.59
C ILE B 173 -23.59 -8.01 12.89
N GLU B 174 -24.81 -7.51 12.79
CA GLU B 174 -25.90 -8.24 12.14
C GLU B 174 -26.59 -7.28 11.16
N PHE B 175 -26.77 -7.70 9.91
CA PHE B 175 -27.41 -6.82 8.94
C PHE B 175 -28.92 -7.06 8.86
N THR B 176 -29.66 -5.98 9.05
CA THR B 176 -31.12 -5.99 8.96
C THR B 176 -31.52 -4.59 8.53
N GLY B 177 -32.73 -4.46 7.97
CA GLY B 177 -33.18 -3.16 7.54
C GLY B 177 -32.68 -2.73 6.18
N ALA B 178 -32.70 -1.42 5.96
CA ALA B 178 -32.28 -0.85 4.70
C ALA B 178 -30.88 -1.25 4.25
N GLY B 179 -30.79 -1.87 3.08
CA GLY B 179 -29.51 -2.26 2.54
C GLY B 179 -29.00 -3.64 2.88
N SER B 180 -29.60 -4.26 3.90
CA SER B 180 -29.17 -5.59 4.34
C SER B 180 -29.33 -6.66 3.28
N LYS B 181 -30.43 -6.62 2.54
CA LYS B 181 -30.70 -7.58 1.48
C LYS B 181 -29.62 -7.52 0.41
N GLU B 182 -29.22 -6.30 0.03
CA GLU B 182 -28.19 -6.08 -0.98
C GLU B 182 -26.84 -6.66 -0.53
N LEU B 183 -26.42 -6.34 0.70
CA LEU B 183 -25.16 -6.86 1.23
C LEU B 183 -25.21 -8.37 1.32
N LYS B 184 -26.31 -8.90 1.86
CA LYS B 184 -26.45 -10.34 1.99
C LYS B 184 -26.35 -11.06 0.64
N GLY B 185 -26.90 -10.46 -0.41
CA GLY B 185 -26.83 -11.06 -1.74
C GLY B 185 -25.40 -11.14 -2.23
N TYR B 186 -24.64 -10.08 -1.97
CA TYR B 186 -23.23 -10.06 -2.38
C TYR B 186 -22.49 -11.16 -1.60
N MET B 187 -22.70 -11.16 -0.28
CA MET B 187 -22.08 -12.14 0.59
C MET B 187 -22.38 -13.58 0.15
N THR B 188 -23.62 -13.85 -0.24
CA THR B 188 -23.99 -15.19 -0.70
C THR B 188 -23.26 -15.55 -1.99
N ARG B 189 -23.19 -14.61 -2.92
CA ARG B 189 -22.50 -14.84 -4.20
C ARG B 189 -21.03 -15.17 -3.98
N VAL B 190 -20.33 -14.37 -3.18
CA VAL B 190 -18.93 -14.62 -2.93
C VAL B 190 -18.67 -15.83 -2.03
N PHE B 191 -19.41 -15.95 -0.94
CA PHE B 191 -19.19 -17.08 -0.02
C PHE B 191 -19.44 -18.45 -0.65
N GLU B 192 -20.27 -18.49 -1.70
CA GLU B 192 -20.58 -19.74 -2.40
C GLU B 192 -19.53 -20.18 -3.42
N ARG B 193 -18.60 -19.30 -3.77
CA ARG B 193 -17.59 -19.69 -4.77
C ARG B 193 -16.67 -20.79 -4.26
N ASP B 194 -16.25 -21.67 -5.18
CA ASP B 194 -15.35 -22.77 -4.82
C ASP B 194 -14.06 -22.30 -4.20
N ALA B 195 -13.46 -21.25 -4.76
CA ALA B 195 -12.20 -20.74 -4.25
C ALA B 195 -12.35 -20.17 -2.86
N PHE B 196 -13.45 -19.46 -2.61
CA PHE B 196 -13.64 -18.90 -1.27
C PHE B 196 -13.82 -20.03 -0.24
N LEU B 197 -14.63 -21.03 -0.56
CA LEU B 197 -14.81 -22.12 0.39
C LEU B 197 -13.47 -22.82 0.63
N ALA B 198 -12.70 -23.02 -0.42
CA ALA B 198 -11.40 -23.67 -0.30
C ALA B 198 -10.40 -22.83 0.47
N SER B 199 -10.59 -21.51 0.49
CA SER B 199 -9.65 -20.64 1.21
C SER B 199 -9.74 -20.73 2.74
N LEU B 200 -10.91 -21.13 3.22
CA LEU B 200 -11.19 -21.20 4.66
C LEU B 200 -10.41 -22.19 5.52
N THR B 201 -9.96 -21.74 6.70
CA THR B 201 -9.26 -22.62 7.63
C THR B 201 -10.40 -23.21 8.48
N GLU B 202 -10.11 -24.18 9.34
CA GLU B 202 -11.17 -24.74 10.16
C GLU B 202 -11.75 -23.67 11.09
N ALA B 203 -10.88 -22.86 11.68
CA ALA B 203 -11.31 -21.81 12.59
C ALA B 203 -12.22 -20.80 11.88
N GLU B 204 -11.97 -20.55 10.60
CA GLU B 204 -12.81 -19.63 9.86
C GLU B 204 -14.15 -20.32 9.54
N ARG B 205 -14.11 -21.60 9.15
CA ARG B 205 -15.36 -22.33 8.83
C ARG B 205 -16.28 -22.35 10.06
N GLU B 206 -15.67 -22.38 11.24
CA GLU B 206 -16.44 -22.42 12.49
C GLU B 206 -17.32 -21.17 12.65
N MET B 207 -16.99 -20.10 11.93
CA MET B 207 -17.74 -18.84 12.06
C MET B 207 -19.17 -18.84 11.53
N HIS B 208 -19.48 -19.75 10.62
CA HIS B 208 -20.81 -19.81 10.01
C HIS B 208 -21.41 -21.22 9.97
N LEU B 209 -22.71 -21.30 10.20
CA LEU B 209 -23.41 -22.57 10.22
C LEU B 209 -23.17 -23.44 8.99
N LYS B 210 -23.34 -22.88 7.80
CA LYS B 210 -23.17 -23.64 6.56
C LYS B 210 -21.81 -24.30 6.33
N THR B 211 -20.76 -23.79 6.96
CA THR B 211 -19.42 -24.36 6.79
C THR B 211 -18.92 -25.09 8.05
N ARG B 212 -19.63 -24.89 9.16
CA ARG B 212 -19.28 -25.49 10.43
C ARG B 212 -19.42 -27.02 10.43
N SER B 213 -18.39 -27.70 10.91
CA SER B 213 -18.39 -29.15 10.97
C SER B 213 -18.78 -29.64 12.36
C1 CIT C . -24.48 -14.82 10.15
O1 CIT C . -24.25 -14.67 9.08
O2 CIT C . -24.26 -14.11 11.09
C2 CIT C . -25.19 -16.12 10.62
C3 CIT C . -24.38 -17.39 11.06
O7 CIT C . -22.96 -17.10 11.25
C4 CIT C . -24.88 -17.92 12.44
C5 CIT C . -24.14 -19.17 12.93
O3 CIT C . -24.92 -20.00 13.62
O4 CIT C . -22.98 -19.44 12.77
C6 CIT C . -24.57 -18.41 9.95
O5 CIT C . -25.68 -19.06 9.94
O6 CIT C . -23.64 -18.55 9.09
C1 CIT D . -7.83 6.26 2.30
O1 CIT D . -8.03 5.88 1.29
O2 CIT D . -7.94 5.72 3.36
C2 CIT D . -7.32 7.72 2.51
C3 CIT D . -5.82 8.13 2.36
O7 CIT D . -5.12 7.22 1.44
C4 CIT D . -5.69 9.56 1.72
C5 CIT D . -4.26 10.02 1.40
O3 CIT D . -4.10 10.52 0.18
O4 CIT D . -3.30 9.98 2.14
C6 CIT D . -5.18 8.06 3.75
O5 CIT D . -5.53 8.95 4.60
O6 CIT D . -4.34 7.12 3.99
#